data_4N9W
#
_entry.id   4N9W
#
_cell.length_a   37.507
_cell.length_b   75.515
_cell.length_c   59.326
_cell.angle_alpha   90.00
_cell.angle_beta   97.69
_cell.angle_gamma   90.00
#
_symmetry.space_group_name_H-M   'P 1 21 1'
#
loop_
_entity.id
_entity.type
_entity.pdbx_description
1 polymer 'GDP-mannose-dependent alpha-(1-2)-phosphatidylinositol mannosyltransferase'
2 non-polymer "GUANOSINE-5'-DIPHOSPHATE"
3 non-polymer 1,2-ETHANEDIOL
4 water water
#
_entity_poly.entity_id   1
_entity_poly.type   'polypeptide(L)'
_entity_poly.pdbx_seq_one_letter_code
;GSGAMRIGMVCPYSFDVPGGVQSHVLQLAEVLRDAGHEVSVLAPASPHVKLPDYVVSGGKAVPIPYNGSVARLRFGPATH
RKVKKWIAEGDFDVLHIHEPNAPSLSMLALQAAEGPIVATFHTSTTKSLTLSVFQGILRPYHEKIIGRIAVSDLARRWQM
EALGSDAVEIPNGVDVASFADAPLLDGYPREGRTVLFLGRYDEPRKGMAVLLAALPKLVARFPDVEILIVGRGDEDELRE
QAGDLAGHLRFLGQVDDATKASAMRSADVYCAPHLGGESFGIVLVEAMAAGTAVVASDLDAFRRVLADGDAGRLVPVDDA
DGMAAALIGILEDDQLRAGYVARASERVHRYDWSVVSAQIMRVYETVSGAGIKVQVSGAANRDETAGESV
;
_entity_poly.pdbx_strand_id   A
#
loop_
_chem_comp.id
_chem_comp.type
_chem_comp.name
_chem_comp.formula
EDO non-polymer 1,2-ETHANEDIOL 'C2 H6 O2'
GDP RNA linking GUANOSINE-5'-DIPHOSPHATE 'C10 H15 N5 O11 P2'
#
# COMPACT_ATOMS: atom_id res chain seq x y z
N ALA A 4 25.21 -6.92 -10.98
CA ALA A 4 23.96 -6.67 -11.76
C ALA A 4 23.14 -7.97 -11.90
N MET A 5 21.92 -7.95 -11.39
CA MET A 5 21.06 -9.12 -11.38
C MET A 5 19.91 -8.93 -12.33
N ARG A 6 19.34 -10.04 -12.75
CA ARG A 6 18.09 -10.03 -13.49
C ARG A 6 17.04 -10.53 -12.52
N ILE A 7 16.07 -9.68 -12.26
CA ILE A 7 15.03 -9.97 -11.29
C ILE A 7 13.66 -10.03 -11.94
N GLY A 8 12.91 -11.08 -11.63
CA GLY A 8 11.54 -11.21 -12.06
C GLY A 8 10.65 -11.02 -10.84
N MET A 9 9.65 -10.15 -10.95
CA MET A 9 8.72 -9.90 -9.84
C MET A 9 7.28 -10.19 -10.24
N VAL A 10 6.50 -10.71 -9.31
CA VAL A 10 5.09 -11.03 -9.56
C VAL A 10 4.21 -10.28 -8.55
N CYS A 11 3.29 -9.51 -9.10
CA CYS A 11 2.23 -8.83 -8.37
C CYS A 11 0.94 -9.57 -8.66
N PRO A 12 0.19 -9.99 -7.63
CA PRO A 12 -1.03 -10.75 -7.92
C PRO A 12 -2.25 -9.88 -8.30
N TYR A 13 -2.09 -8.57 -8.23
CA TYR A 13 -3.22 -7.63 -8.40
C TYR A 13 -3.01 -6.70 -9.58
N SER A 14 -4.09 -6.42 -10.30
CA SER A 14 -4.02 -5.45 -11.40
C SER A 14 -3.59 -4.05 -10.91
N PHE A 15 -2.78 -3.37 -11.70
CA PHE A 15 -2.43 -1.99 -11.39
C PHE A 15 -3.53 -1.01 -11.72
N ASP A 16 -4.67 -1.52 -12.21
CA ASP A 16 -5.81 -0.66 -12.56
C ASP A 16 -6.40 0.02 -11.32
N VAL A 17 -6.19 -0.56 -10.17
CA VAL A 17 -6.74 -0.07 -8.90
C VAL A 17 -5.54 0.21 -7.98
N PRO A 18 -5.57 1.32 -7.24
CA PRO A 18 -4.46 1.58 -6.32
C PRO A 18 -4.45 0.55 -5.21
N GLY A 19 -3.25 0.19 -4.76
CA GLY A 19 -3.13 -0.70 -3.63
C GLY A 19 -1.70 -0.69 -3.10
N GLY A 20 -1.56 -1.08 -1.84
CA GLY A 20 -0.25 -1.14 -1.21
C GLY A 20 0.69 -2.14 -1.86
N VAL A 21 0.18 -3.33 -2.20
CA VAL A 21 1.03 -4.35 -2.83
C VAL A 21 1.48 -3.85 -4.19
N GLN A 22 0.53 -3.32 -4.98
CA GLN A 22 0.85 -2.77 -6.29
C GLN A 22 1.92 -1.68 -6.23
N SER A 23 1.78 -0.71 -5.34
CA SER A 23 2.74 0.40 -5.28
C SER A 23 4.11 -0.10 -4.79
N HIS A 24 4.11 -1.02 -3.83
CA HIS A 24 5.34 -1.64 -3.33
C HIS A 24 6.12 -2.25 -4.50
N VAL A 25 5.45 -3.07 -5.30
CA VAL A 25 6.15 -3.77 -6.40
C VAL A 25 6.67 -2.82 -7.48
N LEU A 26 5.86 -1.85 -7.93
CA LEU A 26 6.37 -0.89 -8.92
C LEU A 26 7.50 -0.01 -8.40
N GLN A 27 7.37 0.45 -7.17
CA GLN A 27 8.43 1.33 -6.66
C GLN A 27 9.69 0.52 -6.45
N LEU A 28 9.55 -0.71 -5.96
CA LEU A 28 10.74 -1.55 -5.71
C LEU A 28 11.41 -1.81 -7.03
N ALA A 29 10.62 -2.09 -8.06
CA ALA A 29 11.20 -2.29 -9.39
C ALA A 29 11.97 -1.04 -9.87
N GLU A 30 11.40 0.13 -9.66
CA GLU A 30 12.06 1.36 -10.09
C GLU A 30 13.40 1.53 -9.34
N VAL A 31 13.38 1.32 -8.02
CA VAL A 31 14.59 1.45 -7.21
C VAL A 31 15.71 0.50 -7.69
N LEU A 32 15.33 -0.72 -8.03
CA LEU A 32 16.32 -1.72 -8.46
C LEU A 32 16.91 -1.37 -9.81
N ARG A 33 16.06 -0.93 -10.74
CA ARG A 33 16.52 -0.49 -12.06
CA ARG A 33 16.52 -0.49 -12.06
C ARG A 33 17.45 0.72 -11.96
N ASP A 34 17.15 1.63 -11.05
CA ASP A 34 18.00 2.81 -10.83
C ASP A 34 19.39 2.45 -10.30
N ALA A 35 19.50 1.24 -9.73
CA ALA A 35 20.76 0.76 -9.19
C ALA A 35 21.48 -0.12 -10.20
N GLY A 36 20.96 -0.18 -11.41
CA GLY A 36 21.60 -0.96 -12.46
C GLY A 36 21.10 -2.39 -12.68
N HIS A 37 20.12 -2.85 -11.91
CA HIS A 37 19.61 -4.21 -12.09
C HIS A 37 18.54 -4.24 -13.17
N GLU A 38 18.33 -5.42 -13.75
CA GLU A 38 17.30 -5.62 -14.75
C GLU A 38 16.07 -6.18 -14.05
N VAL A 39 14.92 -5.53 -14.22
CA VAL A 39 13.69 -6.03 -13.58
C VAL A 39 12.61 -6.25 -14.63
N SER A 40 11.84 -7.33 -14.48
CA SER A 40 10.59 -7.51 -15.22
C SER A 40 9.49 -7.83 -14.23
N VAL A 41 8.33 -7.20 -14.41
CA VAL A 41 7.20 -7.41 -13.52
C VAL A 41 6.06 -8.06 -14.27
N LEU A 42 5.58 -9.18 -13.72
CA LEU A 42 4.40 -9.87 -14.21
C LEU A 42 3.21 -9.54 -13.32
N ALA A 43 2.09 -9.13 -13.94
CA ALA A 43 0.89 -8.81 -13.15
C ALA A 43 -0.35 -9.01 -14.00
N PRO A 44 -1.55 -9.08 -13.37
CA PRO A 44 -2.76 -9.17 -14.22
C PRO A 44 -2.91 -7.97 -15.15
N ALA A 45 -3.71 -8.16 -16.19
CA ALA A 45 -4.03 -7.12 -17.15
C ALA A 45 -4.37 -5.81 -16.45
N SER A 46 -3.71 -4.75 -16.92
CA SER A 46 -3.80 -3.42 -16.35
C SER A 46 -3.93 -2.39 -17.48
N PRO A 47 -4.94 -2.54 -18.35
CA PRO A 47 -5.00 -1.68 -19.53
C PRO A 47 -5.48 -0.25 -19.27
N HIS A 48 -5.88 0.07 -18.04
CA HIS A 48 -6.46 1.39 -17.76
C HIS A 48 -5.43 2.37 -17.22
N VAL A 49 -4.22 1.89 -16.95
CA VAL A 49 -3.16 2.79 -16.48
C VAL A 49 -1.96 2.77 -17.41
N LYS A 50 -1.23 3.88 -17.45
CA LYS A 50 0.04 3.94 -18.15
C LYS A 50 1.10 3.19 -17.31
N LEU A 51 1.89 2.31 -17.93
CA LEU A 51 2.87 1.50 -17.16
C LEU A 51 4.22 1.49 -17.83
N PRO A 52 5.29 1.27 -17.05
CA PRO A 52 6.59 1.20 -17.71
C PRO A 52 6.63 0.01 -18.64
N ASP A 53 7.56 0.04 -19.58
CA ASP A 53 7.60 -0.99 -20.59
C ASP A 53 8.06 -2.34 -20.05
N TYR A 54 8.55 -2.38 -18.80
CA TYR A 54 9.05 -3.66 -18.24
C TYR A 54 7.92 -4.45 -17.53
N VAL A 55 6.69 -3.92 -17.54
CA VAL A 55 5.53 -4.67 -17.00
C VAL A 55 4.91 -5.54 -18.08
N VAL A 56 4.69 -6.81 -17.76
CA VAL A 56 4.14 -7.81 -18.68
C VAL A 56 2.77 -8.16 -18.13
N SER A 57 1.79 -8.37 -19.01
CA SER A 57 0.45 -8.79 -18.60
C SER A 57 0.38 -10.28 -18.49
N GLY A 58 -0.14 -10.78 -17.38
CA GLY A 58 -0.37 -12.20 -17.22
C GLY A 58 -1.80 -12.54 -17.61
N GLY A 59 -2.50 -11.59 -18.22
CA GLY A 59 -3.86 -11.84 -18.62
C GLY A 59 -4.83 -11.47 -17.53
N LYS A 60 -6.10 -11.80 -17.75
CA LYS A 60 -7.20 -11.32 -16.93
C LYS A 60 -7.86 -12.50 -16.21
N ALA A 61 -8.14 -12.32 -14.93
CA ALA A 61 -8.91 -13.31 -14.19
C ALA A 61 -10.37 -13.16 -14.56
N VAL A 62 -10.95 -14.25 -15.04
CA VAL A 62 -12.33 -14.27 -15.51
C VAL A 62 -13.23 -14.85 -14.43
N PRO A 63 -14.48 -14.35 -14.34
CA PRO A 63 -15.40 -14.94 -13.35
C PRO A 63 -15.60 -16.44 -13.55
N ILE A 64 -15.73 -17.16 -12.43
CA ILE A 64 -16.04 -18.59 -12.48
C ILE A 64 -17.57 -18.73 -12.65
N PRO A 65 -18.01 -19.40 -13.73
CA PRO A 65 -19.44 -19.41 -14.11
C PRO A 65 -20.33 -20.43 -13.40
N TYR A 66 -19.82 -21.13 -12.38
CA TYR A 66 -20.61 -22.17 -11.72
C TYR A 66 -20.50 -22.12 -10.20
N ASN A 67 -21.53 -22.65 -9.54
CA ASN A 67 -21.52 -22.78 -8.09
C ASN A 67 -20.55 -23.85 -7.61
N GLY A 68 -20.12 -23.74 -6.36
CA GLY A 68 -19.19 -24.70 -5.77
C GLY A 68 -17.74 -24.28 -5.85
N SER A 69 -17.48 -23.07 -6.35
CA SER A 69 -16.11 -22.64 -6.42
C SER A 69 -15.60 -22.21 -5.03
N VAL A 70 -14.28 -22.12 -4.88
CA VAL A 70 -13.66 -21.60 -3.66
C VAL A 70 -12.95 -20.28 -3.94
N ALA A 71 -13.31 -19.65 -5.06
CA ALA A 71 -12.80 -18.32 -5.42
C ALA A 71 -13.81 -17.72 -6.38
N ARG A 72 -13.77 -16.39 -6.54
CA ARG A 72 -14.74 -15.72 -7.42
C ARG A 72 -14.20 -15.67 -8.84
N LEU A 73 -12.87 -15.52 -8.98
CA LEU A 73 -12.24 -15.35 -10.28
C LEU A 73 -11.13 -16.35 -10.51
N ARG A 74 -10.88 -16.63 -11.78
CA ARG A 74 -9.89 -17.63 -12.19
C ARG A 74 -9.14 -17.18 -13.42
N PHE A 75 -7.83 -17.36 -13.38
CA PHE A 75 -7.01 -17.19 -14.57
C PHE A 75 -7.15 -18.41 -15.50
N GLY A 76 -7.37 -18.14 -16.78
CA GLY A 76 -7.52 -19.18 -17.77
C GLY A 76 -6.22 -19.81 -18.22
N PRO A 77 -6.30 -20.82 -19.12
CA PRO A 77 -5.10 -21.50 -19.65
C PRO A 77 -4.10 -20.55 -20.32
N ALA A 78 -4.56 -19.46 -20.94
CA ALA A 78 -3.64 -18.48 -21.53
C ALA A 78 -2.63 -17.94 -20.48
N THR A 79 -3.10 -17.76 -19.26
CA THR A 79 -2.26 -17.21 -18.22
C THR A 79 -1.18 -18.22 -17.84
N HIS A 80 -1.58 -19.48 -17.69
CA HIS A 80 -0.63 -20.56 -17.38
C HIS A 80 0.49 -20.58 -18.42
N ARG A 81 0.13 -20.49 -19.70
CA ARG A 81 1.11 -20.45 -20.78
C ARG A 81 1.98 -19.18 -20.73
N LYS A 82 1.37 -18.03 -20.46
CA LYS A 82 2.13 -16.77 -20.38
C LYS A 82 3.16 -16.82 -19.24
N VAL A 83 2.76 -17.40 -18.11
CA VAL A 83 3.63 -17.47 -16.95
C VAL A 83 4.86 -18.33 -17.26
N LYS A 84 4.66 -19.47 -17.88
CA LYS A 84 5.75 -20.34 -18.24
C LYS A 84 6.69 -19.70 -19.20
N LYS A 85 6.15 -19.10 -20.23
CA LYS A 85 6.97 -18.37 -21.22
C LYS A 85 7.81 -17.25 -20.58
N TRP A 86 7.17 -16.45 -19.73
CA TRP A 86 7.84 -15.37 -19.02
C TRP A 86 9.06 -15.90 -18.21
N ILE A 87 8.86 -16.92 -17.42
CA ILE A 87 9.96 -17.59 -16.71
C ILE A 87 11.03 -18.15 -17.66
N ALA A 88 10.61 -18.87 -18.71
CA ALA A 88 11.57 -19.49 -19.64
C ALA A 88 12.44 -18.46 -20.30
N GLU A 89 11.86 -17.31 -20.64
CA GLU A 89 12.58 -16.31 -21.41
C GLU A 89 13.24 -15.24 -20.55
N GLY A 90 12.99 -15.29 -19.25
CA GLY A 90 13.43 -14.23 -18.37
C GLY A 90 14.87 -14.39 -17.93
N ASP A 91 15.31 -15.64 -17.86
CA ASP A 91 16.66 -15.96 -17.38
C ASP A 91 16.94 -15.25 -16.04
N PHE A 92 16.02 -15.39 -15.09
CA PHE A 92 16.10 -14.61 -13.84
C PHE A 92 17.08 -15.20 -12.81
N ASP A 93 17.82 -14.32 -12.14
CA ASP A 93 18.68 -14.73 -11.02
C ASP A 93 17.88 -14.92 -9.75
N VAL A 94 16.79 -14.16 -9.62
CA VAL A 94 15.85 -14.26 -8.49
C VAL A 94 14.43 -14.03 -8.97
N LEU A 95 13.46 -14.79 -8.45
CA LEU A 95 12.02 -14.56 -8.68
C LEU A 95 11.40 -14.09 -7.38
N HIS A 96 10.91 -12.85 -7.33
CA HIS A 96 10.29 -12.32 -6.11
C HIS A 96 8.76 -12.25 -6.27
N ILE A 97 8.04 -13.11 -5.54
CA ILE A 97 6.59 -13.17 -5.57
C ILE A 97 5.97 -12.50 -4.37
N HIS A 98 4.86 -11.81 -4.59
CA HIS A 98 4.21 -11.05 -3.51
C HIS A 98 2.85 -11.63 -3.24
N GLU A 99 2.50 -11.77 -1.97
CA GLU A 99 1.19 -12.36 -1.58
C GLU A 99 0.75 -13.69 -2.21
N PRO A 100 1.47 -14.77 -1.90
CA PRO A 100 1.21 -16.07 -2.55
C PRO A 100 0.01 -16.80 -1.94
N ASN A 101 -1.12 -16.08 -1.93
CA ASN A 101 -2.43 -16.64 -1.63
C ASN A 101 -2.78 -17.64 -2.71
N ALA A 102 -3.70 -18.53 -2.40
CA ALA A 102 -4.17 -19.50 -3.36
C ALA A 102 -5.68 -19.32 -3.48
N PRO A 103 -6.19 -19.14 -4.70
CA PRO A 103 -5.50 -19.02 -5.98
C PRO A 103 -5.12 -17.58 -6.28
N SER A 104 -3.96 -17.41 -6.89
CA SER A 104 -3.47 -16.09 -7.24
C SER A 104 -2.44 -16.27 -8.35
N LEU A 105 -2.14 -15.18 -9.04
CA LEU A 105 -1.09 -15.18 -10.04
C LEU A 105 0.27 -15.50 -9.41
N SER A 106 0.50 -15.03 -8.18
CA SER A 106 1.73 -15.37 -7.47
C SER A 106 1.85 -16.88 -7.20
N MET A 107 0.77 -17.50 -6.78
CA MET A 107 0.78 -18.96 -6.61
C MET A 107 0.94 -19.70 -7.94
N LEU A 108 0.32 -19.21 -9.02
CA LEU A 108 0.58 -19.79 -10.35
C LEU A 108 2.07 -19.74 -10.72
N ALA A 109 2.71 -18.60 -10.45
CA ALA A 109 4.12 -18.47 -10.73
C ALA A 109 4.95 -19.44 -9.89
N LEU A 110 4.62 -19.55 -8.60
CA LEU A 110 5.29 -20.50 -7.68
C LEU A 110 5.14 -21.94 -8.15
N GLN A 111 3.95 -22.29 -8.66
CA GLN A 111 3.76 -23.63 -9.16
C GLN A 111 4.58 -23.89 -10.41
N ALA A 112 4.76 -22.85 -11.23
CA ALA A 112 5.43 -23.02 -12.52
C ALA A 112 6.95 -23.02 -12.41
N ALA A 113 7.50 -22.48 -11.32
CA ALA A 113 8.94 -22.17 -11.25
C ALA A 113 9.68 -22.86 -10.13
N GLU A 114 11.00 -22.85 -10.25
CA GLU A 114 11.87 -23.36 -9.19
C GLU A 114 13.23 -22.68 -9.31
N GLY A 115 13.96 -22.64 -8.20
CA GLY A 115 15.24 -21.97 -8.17
C GLY A 115 15.20 -20.92 -7.08
N PRO A 116 15.95 -19.83 -7.26
CA PRO A 116 16.02 -18.82 -6.20
C PRO A 116 14.73 -18.01 -6.13
N ILE A 117 13.81 -18.41 -5.26
CA ILE A 117 12.52 -17.73 -5.09
C ILE A 117 12.40 -17.08 -3.71
N VAL A 118 11.99 -15.82 -3.72
CA VAL A 118 11.69 -15.06 -2.53
C VAL A 118 10.20 -14.72 -2.54
N ALA A 119 9.58 -14.69 -1.35
CA ALA A 119 8.18 -14.22 -1.22
C ALA A 119 8.07 -13.15 -0.14
N THR A 120 7.30 -12.09 -0.44
CA THR A 120 6.91 -11.14 0.61
C THR A 120 5.44 -11.37 0.99
N PHE A 121 5.19 -11.39 2.30
CA PHE A 121 3.88 -11.58 2.88
C PHE A 121 3.45 -10.25 3.47
N HIS A 122 2.44 -9.64 2.87
CA HIS A 122 2.04 -8.25 3.13
C HIS A 122 0.95 -8.06 4.18
N THR A 123 0.21 -9.12 4.46
CA THR A 123 -0.91 -9.05 5.39
C THR A 123 -0.86 -10.12 6.45
N SER A 124 -1.66 -9.94 7.51
CA SER A 124 -1.83 -10.97 8.53
C SER A 124 -2.23 -12.33 7.93
N THR A 125 -3.17 -12.32 7.00
CA THR A 125 -3.63 -13.55 6.36
C THR A 125 -2.50 -14.30 5.64
N THR A 126 -1.71 -13.60 4.84
CA THR A 126 -0.65 -14.29 4.11
C THR A 126 0.54 -14.59 5.01
N LYS A 127 0.72 -13.85 6.10
CA LYS A 127 1.82 -14.16 7.03
C LYS A 127 1.64 -15.56 7.69
N SER A 128 0.39 -15.95 7.87
CA SER A 128 0.10 -17.28 8.41
C SER A 128 0.71 -18.39 7.54
N LEU A 129 0.89 -18.09 6.26
CA LEU A 129 1.39 -19.09 5.31
C LEU A 129 2.86 -19.43 5.51
N THR A 130 3.52 -18.73 6.42
CA THR A 130 4.86 -19.11 6.84
C THR A 130 4.82 -20.39 7.70
N LEU A 131 3.62 -20.73 8.19
CA LEU A 131 3.41 -21.95 8.97
C LEU A 131 2.85 -23.13 8.14
N SER A 132 3.48 -24.30 8.25
CA SER A 132 3.12 -25.46 7.47
C SER A 132 1.62 -25.78 7.63
N VAL A 133 1.11 -25.65 8.86
CA VAL A 133 -0.29 -25.99 9.12
C VAL A 133 -1.27 -25.19 8.24
N PHE A 134 -0.91 -23.96 7.89
CA PHE A 134 -1.76 -23.12 7.04
C PHE A 134 -1.54 -23.28 5.53
N GLN A 135 -0.47 -23.99 5.17
CA GLN A 135 -0.15 -24.20 3.77
C GLN A 135 -1.04 -25.30 3.18
N GLY A 136 -1.65 -26.10 4.05
CA GLY A 136 -2.59 -27.12 3.58
C GLY A 136 -1.96 -28.04 2.55
N ILE A 137 -2.66 -28.31 1.44
CA ILE A 137 -2.11 -29.24 0.45
C ILE A 137 -1.27 -28.51 -0.59
N LEU A 138 -1.04 -27.22 -0.35
CA LEU A 138 -0.11 -26.46 -1.17
C LEU A 138 1.32 -26.46 -0.57
N ARG A 139 1.50 -27.18 0.55
CA ARG A 139 2.84 -27.37 1.17
C ARG A 139 3.97 -27.58 0.15
N PRO A 140 3.76 -28.47 -0.83
CA PRO A 140 4.86 -28.73 -1.79
C PRO A 140 5.28 -27.51 -2.58
N TYR A 141 4.36 -26.59 -2.82
CA TYR A 141 4.73 -25.35 -3.50
C TYR A 141 5.35 -24.36 -2.54
N HIS A 142 4.82 -24.26 -1.33
CA HIS A 142 5.40 -23.31 -0.36
C HIS A 142 6.83 -23.71 -0.02
N GLU A 143 7.11 -25.01 -0.11
CA GLU A 143 8.45 -25.51 0.17
C GLU A 143 9.48 -25.05 -0.87
N LYS A 144 9.00 -24.51 -2.00
CA LYS A 144 9.89 -24.01 -3.04
C LYS A 144 10.34 -22.56 -2.81
N ILE A 145 9.74 -21.90 -1.83
CA ILE A 145 10.13 -20.54 -1.48
C ILE A 145 11.42 -20.65 -0.67
N ILE A 146 12.47 -19.95 -1.09
CA ILE A 146 13.77 -20.04 -0.42
C ILE A 146 13.97 -18.93 0.60
N GLY A 147 13.57 -17.71 0.26
CA GLY A 147 13.64 -16.61 1.21
C GLY A 147 12.28 -16.01 1.49
N ARG A 148 12.02 -15.63 2.74
CA ARG A 148 10.72 -15.10 3.14
C ARG A 148 10.86 -13.77 3.87
N ILE A 149 10.08 -12.80 3.40
CA ILE A 149 10.00 -11.46 3.96
C ILE A 149 8.58 -11.23 4.50
N ALA A 150 8.50 -10.88 5.78
CA ALA A 150 7.26 -10.39 6.39
C ALA A 150 7.32 -8.88 6.53
N VAL A 151 6.23 -8.21 6.15
CA VAL A 151 6.25 -6.76 6.21
C VAL A 151 6.25 -6.28 7.68
N SER A 152 5.58 -7.01 8.57
CA SER A 152 5.58 -6.60 9.99
C SER A 152 5.19 -7.73 10.94
N ALA A 167 12.49 -16.58 8.11
CA ALA A 167 11.90 -15.34 7.57
C ALA A 167 12.51 -14.10 8.20
N VAL A 168 12.42 -12.95 7.50
CA VAL A 168 12.93 -11.70 8.04
C VAL A 168 11.89 -10.62 7.94
N GLU A 169 11.91 -9.73 8.93
CA GLU A 169 10.97 -8.61 8.91
C GLU A 169 11.57 -7.38 8.24
N ILE A 170 10.87 -6.85 7.23
CA ILE A 170 11.33 -5.65 6.56
C ILE A 170 10.09 -4.78 6.31
N PRO A 171 10.13 -3.50 6.69
CA PRO A 171 8.92 -2.69 6.48
C PRO A 171 8.77 -2.32 5.01
N ASN A 172 7.56 -1.98 4.57
CA ASN A 172 7.38 -1.51 3.21
C ASN A 172 7.98 -0.09 3.07
N GLY A 173 8.52 0.22 1.89
CA GLY A 173 9.23 1.47 1.70
C GLY A 173 8.41 2.58 1.07
N VAL A 174 8.91 3.80 1.24
CA VAL A 174 8.39 5.00 0.57
CA VAL A 174 8.37 4.99 0.62
C VAL A 174 9.56 5.82 0.12
N ASP A 175 9.32 6.71 -0.84
CA ASP A 175 10.31 7.67 -1.22
C ASP A 175 10.03 8.94 -0.44
N VAL A 176 10.69 9.08 0.71
CA VAL A 176 10.41 10.20 1.60
C VAL A 176 10.49 11.55 0.90
N ALA A 177 11.51 11.73 0.06
CA ALA A 177 11.74 13.04 -0.55
C ALA A 177 10.57 13.43 -1.46
N SER A 178 9.98 12.43 -2.11
CA SER A 178 8.81 12.66 -2.99
C SER A 178 7.68 13.39 -2.27
N PHE A 179 7.55 13.13 -0.98
CA PHE A 179 6.49 13.76 -0.19
C PHE A 179 6.96 15.02 0.48
N ALA A 180 8.14 14.93 1.08
CA ALA A 180 8.71 16.02 1.83
C ALA A 180 8.81 17.27 0.98
N ASP A 181 9.19 17.11 -0.29
CA ASP A 181 9.44 18.25 -1.16
C ASP A 181 8.37 18.44 -2.23
N ALA A 182 7.24 17.78 -2.09
CA ALA A 182 6.16 17.94 -3.07
C ALA A 182 5.68 19.40 -3.09
N PRO A 183 5.29 19.90 -4.26
CA PRO A 183 4.77 21.27 -4.26
C PRO A 183 3.39 21.34 -3.64
N LEU A 184 3.07 22.45 -2.99
CA LEU A 184 1.73 22.66 -2.45
C LEU A 184 0.77 22.82 -3.60
N LEU A 185 -0.45 22.34 -3.45
CA LEU A 185 -1.54 22.69 -4.37
C LEU A 185 -1.86 24.16 -4.33
N ASP A 186 -2.23 24.71 -5.48
CA ASP A 186 -2.76 26.07 -5.54
C ASP A 186 -3.83 26.34 -4.48
N GLY A 187 -3.56 27.33 -3.66
CA GLY A 187 -4.52 27.78 -2.66
C GLY A 187 -4.30 27.18 -1.29
N TYR A 188 -3.27 26.35 -1.16
CA TYR A 188 -2.99 25.73 0.13
C TYR A 188 -1.63 26.17 0.65
N PRO A 189 -1.43 26.09 1.97
CA PRO A 189 -2.38 25.62 3.00
C PRO A 189 -3.51 26.63 3.24
N ARG A 190 -4.69 26.17 3.68
CA ARG A 190 -5.86 26.99 3.90
C ARG A 190 -5.92 27.52 5.31
N GLU A 191 -6.29 28.80 5.45
CA GLU A 191 -6.43 29.37 6.77
C GLU A 191 -7.50 28.62 7.56
N GLY A 192 -8.54 28.15 6.85
CA GLY A 192 -9.67 27.47 7.47
C GLY A 192 -9.37 26.05 7.91
N ARG A 193 -8.17 25.59 7.56
CA ARG A 193 -7.67 24.22 7.81
C ARG A 193 -8.24 23.14 6.89
N THR A 194 -7.49 22.06 6.76
CA THR A 194 -7.82 20.96 5.87
C THR A 194 -7.45 19.62 6.51
N VAL A 195 -8.43 18.71 6.55
CA VAL A 195 -8.26 17.33 6.94
C VAL A 195 -8.33 16.49 5.69
N LEU A 196 -7.27 15.71 5.47
CA LEU A 196 -7.19 14.81 4.30
C LEU A 196 -7.66 13.38 4.60
N PHE A 197 -8.49 12.83 3.70
CA PHE A 197 -8.86 11.42 3.69
C PHE A 197 -8.39 10.84 2.36
N LEU A 198 -7.77 9.67 2.39
CA LEU A 198 -7.32 9.01 1.17
C LEU A 198 -7.81 7.56 1.15
N GLY A 199 -8.58 7.20 0.13
CA GLY A 199 -8.97 5.81 -0.10
C GLY A 199 -10.31 5.64 -0.80
N ARG A 200 -10.68 4.40 -1.14
CA ARG A 200 -12.00 4.14 -1.71
C ARG A 200 -13.08 4.29 -0.64
N TYR A 201 -13.63 5.49 -0.53
CA TYR A 201 -14.44 5.83 0.63
C TYR A 201 -15.80 5.12 0.69
N ASP A 202 -16.18 4.41 -0.38
CA ASP A 202 -17.42 3.61 -0.34
C ASP A 202 -17.23 2.30 0.45
N GLU A 203 -15.98 1.90 0.65
CA GLU A 203 -15.66 0.68 1.41
C GLU A 203 -15.77 0.99 2.90
N PRO A 204 -16.70 0.33 3.61
CA PRO A 204 -16.91 0.71 5.01
C PRO A 204 -15.67 0.62 5.89
N ARG A 205 -14.76 -0.30 5.57
CA ARG A 205 -13.58 -0.54 6.39
C ARG A 205 -12.63 0.64 6.42
N LYS A 206 -12.79 1.56 5.47
CA LYS A 206 -11.94 2.75 5.41
C LYS A 206 -12.44 3.85 6.36
N GLY A 207 -13.62 3.65 6.92
CA GLY A 207 -14.12 4.47 8.01
C GLY A 207 -14.52 5.89 7.69
N MET A 208 -14.86 6.18 6.43
CA MET A 208 -15.39 7.53 6.09
C MET A 208 -16.58 7.88 6.98
N ALA A 209 -17.37 6.88 7.33
CA ALA A 209 -18.54 7.12 8.18
C ALA A 209 -18.17 7.70 9.57
N VAL A 210 -17.01 7.33 10.10
CA VAL A 210 -16.58 7.84 11.39
C VAL A 210 -16.19 9.32 11.25
N LEU A 211 -15.50 9.66 10.17
CA LEU A 211 -15.06 11.03 9.94
C LEU A 211 -16.31 11.91 9.66
N LEU A 212 -17.27 11.38 8.93
CA LEU A 212 -18.49 12.15 8.66
C LEU A 212 -19.28 12.43 9.96
N ALA A 213 -19.35 11.43 10.84
CA ALA A 213 -20.04 11.62 12.13
C ALA A 213 -19.32 12.61 13.03
N ALA A 214 -18.01 12.79 12.82
CA ALA A 214 -17.24 13.79 13.60
C ALA A 214 -17.34 15.19 12.99
N LEU A 215 -17.80 15.28 11.74
CA LEU A 215 -17.80 16.54 11.01
C LEU A 215 -18.57 17.70 11.68
N PRO A 216 -19.74 17.41 12.32
CA PRO A 216 -20.47 18.55 12.91
C PRO A 216 -19.69 19.27 14.00
N LYS A 217 -19.03 18.51 14.87
CA LYS A 217 -18.19 19.07 15.93
C LYS A 217 -16.99 19.82 15.36
N LEU A 218 -16.38 19.27 14.31
CA LEU A 218 -15.24 19.90 13.69
C LEU A 218 -15.60 21.26 13.06
N VAL A 219 -16.69 21.27 12.31
CA VAL A 219 -17.18 22.50 11.67
C VAL A 219 -17.61 23.54 12.71
N ALA A 220 -18.22 23.11 13.80
CA ALA A 220 -18.53 24.09 14.88
C ALA A 220 -17.27 24.82 15.40
N ARG A 221 -16.14 24.12 15.46
CA ARG A 221 -14.90 24.74 15.99
C ARG A 221 -14.06 25.40 14.89
N PHE A 222 -14.17 24.87 13.66
CA PHE A 222 -13.45 25.34 12.50
C PHE A 222 -14.44 25.58 11.37
N PRO A 223 -15.09 26.76 11.38
CA PRO A 223 -16.23 27.03 10.48
C PRO A 223 -15.92 27.01 8.98
N ASP A 224 -14.65 27.06 8.62
CA ASP A 224 -14.22 27.10 7.23
C ASP A 224 -13.38 25.88 6.90
N VAL A 225 -13.56 24.79 7.66
CA VAL A 225 -12.70 23.61 7.50
C VAL A 225 -13.04 22.93 6.17
N GLU A 226 -12.04 22.27 5.58
CA GLU A 226 -12.26 21.46 4.40
C GLU A 226 -11.87 20.03 4.70
N ILE A 227 -12.70 19.09 4.24
CA ILE A 227 -12.30 17.67 4.20
C ILE A 227 -11.92 17.40 2.76
N LEU A 228 -10.62 17.26 2.53
CA LEU A 228 -10.06 17.00 1.21
C LEU A 228 -10.02 15.53 0.99
N ILE A 229 -10.67 15.06 -0.07
CA ILE A 229 -10.85 13.62 -0.25
C ILE A 229 -10.16 13.09 -1.51
N VAL A 230 -9.16 12.22 -1.30
CA VAL A 230 -8.52 11.52 -2.43
C VAL A 230 -8.99 10.06 -2.53
N GLY A 231 -9.38 9.64 -3.74
CA GLY A 231 -9.80 8.26 -4.00
C GLY A 231 -11.12 8.28 -4.77
N ARG A 232 -11.46 7.14 -5.36
CA ARG A 232 -12.68 6.96 -6.16
C ARG A 232 -13.87 6.51 -5.32
N GLY A 233 -15.05 7.01 -5.67
CA GLY A 233 -16.25 6.63 -4.96
C GLY A 233 -17.46 7.42 -5.45
N ASP A 234 -18.60 7.23 -4.81
CA ASP A 234 -19.84 7.85 -5.21
C ASP A 234 -20.00 9.19 -4.48
N GLU A 235 -19.45 10.24 -5.07
CA GLU A 235 -19.44 11.57 -4.45
C GLU A 235 -20.86 12.03 -4.11
N ASP A 236 -21.80 11.74 -5.00
CA ASP A 236 -23.15 12.23 -4.80
C ASP A 236 -23.84 11.57 -3.61
N GLU A 237 -23.64 10.27 -3.45
CA GLU A 237 -24.11 9.61 -2.24
C GLU A 237 -23.46 10.20 -0.99
N LEU A 238 -22.15 10.46 -1.03
CA LEU A 238 -21.45 10.93 0.17
C LEU A 238 -21.96 12.33 0.56
N ARG A 239 -22.12 13.20 -0.44
CA ARG A 239 -22.70 14.54 -0.24
C ARG A 239 -24.07 14.46 0.38
N GLU A 240 -24.91 13.57 -0.13
CA GLU A 240 -26.23 13.35 0.44
C GLU A 240 -26.12 12.93 1.90
N GLN A 241 -25.22 12.00 2.21
CA GLN A 241 -24.97 11.59 3.59
C GLN A 241 -24.56 12.75 4.49
N ALA A 242 -23.76 13.66 3.96
CA ALA A 242 -23.27 14.77 4.74
C ALA A 242 -24.36 15.83 4.97
N GLY A 243 -25.44 15.78 4.19
CA GLY A 243 -26.55 16.70 4.38
C GLY A 243 -26.08 18.12 4.15
N ASP A 244 -26.47 19.02 5.06
CA ASP A 244 -26.11 20.42 4.91
C ASP A 244 -24.63 20.74 5.28
N LEU A 245 -23.83 19.71 5.51
CA LEU A 245 -22.39 19.88 5.69
C LEU A 245 -21.64 19.45 4.44
N ALA A 246 -22.35 19.16 3.35
CA ALA A 246 -21.69 18.64 2.16
C ALA A 246 -20.73 19.67 1.58
N GLY A 247 -21.02 20.95 1.79
CA GLY A 247 -20.19 22.02 1.25
C GLY A 247 -18.78 22.07 1.82
N HIS A 248 -18.53 21.30 2.88
CA HIS A 248 -17.17 21.25 3.47
C HIS A 248 -16.30 20.16 2.86
N LEU A 249 -16.88 19.41 1.91
CA LEU A 249 -16.22 18.29 1.27
C LEU A 249 -15.65 18.70 -0.07
N ARG A 250 -14.38 18.37 -0.34
CA ARG A 250 -13.79 18.60 -1.64
C ARG A 250 -13.18 17.31 -2.19
N PHE A 251 -13.58 16.96 -3.41
CA PHE A 251 -13.20 15.69 -4.03
C PHE A 251 -12.18 15.90 -5.15
N LEU A 252 -11.04 15.21 -5.08
CA LEU A 252 -10.03 15.25 -6.14
C LEU A 252 -10.14 14.03 -7.11
N GLY A 253 -10.87 13.00 -6.69
CA GLY A 253 -10.95 11.78 -7.47
C GLY A 253 -9.71 10.92 -7.28
N GLN A 254 -9.50 9.97 -8.19
CA GLN A 254 -8.32 9.08 -8.14
C GLN A 254 -7.16 9.72 -8.92
N VAL A 255 -6.39 10.57 -8.26
CA VAL A 255 -5.35 11.39 -8.90
C VAL A 255 -4.03 10.67 -9.14
N ASP A 256 -3.13 11.25 -9.93
CA ASP A 256 -1.80 10.65 -10.08
C ASP A 256 -0.98 10.78 -8.78
N ASP A 257 0.17 10.12 -8.74
CA ASP A 257 1.02 10.05 -7.53
C ASP A 257 1.55 11.42 -7.12
N ALA A 258 1.93 12.22 -8.11
CA ALA A 258 2.48 13.53 -7.82
C ALA A 258 1.41 14.45 -7.19
N THR A 259 0.19 14.41 -7.71
CA THR A 259 -0.89 15.18 -7.11
C THR A 259 -1.22 14.68 -5.69
N LYS A 260 -1.19 13.38 -5.49
CA LYS A 260 -1.45 12.80 -4.17
C LYS A 260 -0.45 13.34 -3.13
N ALA A 261 0.82 13.35 -3.50
CA ALA A 261 1.89 13.86 -2.65
C ALA A 261 1.63 15.32 -2.31
N SER A 262 1.30 16.12 -3.31
CA SER A 262 0.96 17.54 -3.10
C SER A 262 -0.22 17.70 -2.15
N ALA A 263 -1.27 16.90 -2.35
CA ALA A 263 -2.40 16.90 -1.44
C ALA A 263 -1.98 16.59 -0.01
N MET A 264 -1.11 15.60 0.17
CA MET A 264 -0.68 15.22 1.50
CA MET A 264 -0.69 15.24 1.51
C MET A 264 0.03 16.40 2.16
N ARG A 265 0.95 17.02 1.43
CA ARG A 265 1.70 18.15 1.97
C ARG A 265 0.79 19.36 2.23
N SER A 266 -0.28 19.50 1.45
CA SER A 266 -1.15 20.65 1.58
C SER A 266 -2.10 20.59 2.79
N ALA A 267 -2.39 19.38 3.25
CA ALA A 267 -3.36 19.22 4.34
C ALA A 267 -2.69 19.56 5.67
N ASP A 268 -3.48 19.95 6.66
CA ASP A 268 -2.97 20.22 7.99
C ASP A 268 -2.93 18.94 8.84
N VAL A 269 -3.82 18.00 8.52
CA VAL A 269 -3.88 16.70 9.23
C VAL A 269 -4.33 15.63 8.26
N TYR A 270 -3.72 14.46 8.37
CA TYR A 270 -4.17 13.27 7.63
C TYR A 270 -4.94 12.42 8.62
N CYS A 271 -6.17 12.09 8.27
CA CYS A 271 -7.04 11.31 9.11
C CYS A 271 -7.21 9.93 8.50
N ALA A 272 -6.89 8.91 9.32
CA ALA A 272 -6.99 7.52 8.97
C ALA A 272 -7.98 6.79 9.89
N PRO A 273 -9.29 6.88 9.60
CA PRO A 273 -10.33 6.38 10.51
C PRO A 273 -10.77 4.93 10.29
N HIS A 274 -9.87 4.13 9.72
CA HIS A 274 -10.15 2.75 9.36
C HIS A 274 -10.76 1.96 10.53
N LEU A 275 -11.76 1.12 10.22
CA LEU A 275 -12.38 0.25 11.23
C LEU A 275 -11.64 -1.05 11.38
N GLY A 276 -10.72 -1.33 10.46
CA GLY A 276 -10.00 -2.59 10.49
C GLY A 276 -9.26 -2.77 9.18
N GLY A 277 -8.57 -3.90 9.06
CA GLY A 277 -7.72 -4.15 7.90
C GLY A 277 -6.55 -4.98 8.33
N GLU A 278 -5.74 -5.39 7.36
CA GLU A 278 -4.61 -6.27 7.62
C GLU A 278 -3.31 -5.72 7.04
N SER A 279 -3.39 -4.54 6.43
CA SER A 279 -2.24 -3.94 5.74
C SER A 279 -1.24 -3.29 6.70
N PHE A 280 -0.09 -2.94 6.13
CA PHE A 280 0.98 -2.24 6.82
C PHE A 280 0.64 -0.79 7.20
N GLY A 281 -0.21 -0.11 6.44
CA GLY A 281 -0.58 1.27 6.74
C GLY A 281 0.35 2.26 6.06
N ILE A 282 0.66 2.00 4.80
CA ILE A 282 1.62 2.83 4.09
C ILE A 282 1.16 4.29 3.93
N VAL A 283 -0.13 4.55 3.92
CA VAL A 283 -0.59 5.93 3.79
C VAL A 283 -0.20 6.81 5.01
N LEU A 284 -0.18 6.23 6.20
CA LEU A 284 0.35 6.93 7.38
C LEU A 284 1.82 7.31 7.15
N VAL A 285 2.63 6.40 6.63
CA VAL A 285 4.03 6.67 6.32
C VAL A 285 4.17 7.78 5.30
N GLU A 286 3.29 7.80 4.31
CA GLU A 286 3.31 8.86 3.30
C GLU A 286 3.08 10.23 3.93
N ALA A 287 2.13 10.28 4.88
CA ALA A 287 1.83 11.53 5.58
C ALA A 287 3.00 11.98 6.44
N MET A 288 3.66 11.02 7.11
CA MET A 288 4.78 11.35 7.96
C MET A 288 5.88 11.95 7.10
N ALA A 289 6.09 11.36 5.92
CA ALA A 289 7.10 11.84 4.99
C ALA A 289 6.79 13.26 4.56
N ALA A 290 5.51 13.52 4.36
CA ALA A 290 5.06 14.85 3.87
C ALA A 290 5.14 15.95 4.93
N GLY A 291 5.33 15.56 6.18
CA GLY A 291 5.36 16.52 7.26
C GLY A 291 3.97 16.95 7.69
N THR A 292 3.00 16.04 7.59
CA THR A 292 1.62 16.29 7.95
C THR A 292 1.18 15.39 9.10
N ALA A 293 0.64 16.00 10.15
CA ALA A 293 0.32 15.30 11.38
C ALA A 293 -0.73 14.26 11.10
N VAL A 294 -0.62 13.13 11.80
CA VAL A 294 -1.50 11.99 11.57
C VAL A 294 -2.40 11.80 12.76
N VAL A 295 -3.69 11.68 12.50
CA VAL A 295 -4.63 11.17 13.47
C VAL A 295 -5.21 9.85 12.93
N ALA A 296 -5.07 8.78 13.72
CA ALA A 296 -5.45 7.46 13.23
C ALA A 296 -6.17 6.59 14.26
N SER A 297 -7.03 5.69 13.75
CA SER A 297 -7.62 4.61 14.54
C SER A 297 -6.53 3.77 15.21
N ASP A 298 -6.79 3.32 16.43
CA ASP A 298 -5.84 2.53 17.19
C ASP A 298 -5.79 1.09 16.71
N LEU A 299 -5.43 0.90 15.44
CA LEU A 299 -5.20 -0.45 14.93
C LEU A 299 -3.74 -0.81 15.13
N ASP A 300 -3.46 -2.10 15.28
CA ASP A 300 -2.11 -2.56 15.60
C ASP A 300 -1.07 -2.01 14.62
N ALA A 301 -1.37 -2.14 13.33
CA ALA A 301 -0.50 -1.68 12.26
C ALA A 301 -0.25 -0.16 12.32
N PHE A 302 -1.25 0.58 12.76
CA PHE A 302 -1.13 2.04 12.80
C PHE A 302 -0.36 2.42 14.06
N ARG A 303 -0.61 1.71 15.16
CA ARG A 303 0.11 1.98 16.40
C ARG A 303 1.63 1.76 16.20
N ARG A 304 2.00 0.82 15.36
CA ARG A 304 3.43 0.55 15.13
C ARG A 304 4.08 1.69 14.33
N VAL A 305 3.38 2.16 13.31
CA VAL A 305 3.91 3.22 12.44
C VAL A 305 4.09 4.50 13.26
N LEU A 306 3.13 4.76 14.15
CA LEU A 306 3.13 5.99 14.92
C LEU A 306 3.85 5.83 16.28
N ALA A 307 4.64 4.77 16.41
CA ALA A 307 5.48 4.52 17.58
C ALA A 307 4.68 4.69 18.86
N ASP A 308 3.57 3.98 18.92
CA ASP A 308 2.70 3.95 20.09
C ASP A 308 2.21 5.34 20.57
N GLY A 309 2.12 6.28 19.64
CA GLY A 309 1.54 7.58 19.91
C GLY A 309 2.61 8.65 20.02
N ASP A 310 3.87 8.26 19.83
CA ASP A 310 4.95 9.24 19.87
C ASP A 310 4.97 10.11 18.62
N ALA A 311 4.61 9.53 17.48
CA ALA A 311 4.74 10.19 16.18
C ALA A 311 3.38 10.46 15.51
N GLY A 312 2.31 10.40 16.27
CA GLY A 312 0.98 10.72 15.75
C GLY A 312 -0.07 10.39 16.80
N ARG A 313 -1.31 10.85 16.60
CA ARG A 313 -2.39 10.69 17.59
C ARG A 313 -3.24 9.45 17.27
N LEU A 314 -3.37 8.55 18.25
CA LEU A 314 -4.16 7.32 18.10
C LEU A 314 -5.53 7.54 18.77
N VAL A 315 -6.61 7.15 18.07
CA VAL A 315 -7.98 7.29 18.55
C VAL A 315 -8.64 5.91 18.62
N PRO A 316 -9.48 5.67 19.64
CA PRO A 316 -10.13 4.35 19.69
C PRO A 316 -10.93 4.06 18.42
N VAL A 317 -10.96 2.81 17.99
CA VAL A 317 -11.62 2.47 16.74
C VAL A 317 -13.14 2.70 16.79
N ASP A 318 -13.67 3.29 15.73
CA ASP A 318 -15.11 3.48 15.56
C ASP A 318 -15.71 4.35 16.67
N ASP A 319 -15.05 5.48 16.94
CA ASP A 319 -15.42 6.37 18.02
C ASP A 319 -15.42 7.76 17.43
N ALA A 320 -16.59 8.17 16.96
CA ALA A 320 -16.73 9.45 16.28
C ALA A 320 -16.45 10.62 17.21
N ASP A 321 -16.94 10.56 18.46
CA ASP A 321 -16.72 11.64 19.42
C ASP A 321 -15.24 11.77 19.71
N GLY A 322 -14.57 10.64 19.88
CA GLY A 322 -13.14 10.61 20.09
C GLY A 322 -12.39 11.15 18.89
N MET A 323 -12.86 10.83 17.68
CA MET A 323 -12.19 11.30 16.48
C MET A 323 -12.33 12.82 16.31
N ALA A 324 -13.51 13.37 16.58
CA ALA A 324 -13.69 14.82 16.55
C ALA A 324 -12.78 15.51 17.56
N ALA A 325 -12.74 15.01 18.78
CA ALA A 325 -11.89 15.59 19.83
C ALA A 325 -10.43 15.60 19.38
N ALA A 326 -9.99 14.49 18.80
CA ALA A 326 -8.63 14.36 18.34
C ALA A 326 -8.29 15.32 17.22
N LEU A 327 -9.20 15.47 16.25
CA LEU A 327 -8.94 16.34 15.11
C LEU A 327 -8.98 17.81 15.57
N ILE A 328 -9.96 18.14 16.39
CA ILE A 328 -10.06 19.51 16.92
C ILE A 328 -8.79 19.80 17.72
N GLY A 329 -8.39 18.84 18.57
CA GLY A 329 -7.24 19.04 19.44
C GLY A 329 -5.97 19.32 18.66
N ILE A 330 -5.73 18.53 17.62
CA ILE A 330 -4.55 18.67 16.78
C ILE A 330 -4.52 20.00 16.04
N LEU A 331 -5.64 20.43 15.48
CA LEU A 331 -5.70 21.71 14.78
C LEU A 331 -5.57 22.92 15.70
N GLU A 332 -6.13 22.82 16.90
CA GLU A 332 -6.09 23.93 17.87
C GLU A 332 -4.74 24.11 18.58
N ASP A 333 -3.96 23.03 18.72
CA ASP A 333 -2.70 23.10 19.50
C ASP A 333 -1.50 23.01 18.57
N ASP A 334 -0.94 24.16 18.23
CA ASP A 334 0.19 24.20 17.30
C ASP A 334 1.44 23.48 17.84
N GLN A 335 1.70 23.65 19.14
CA GLN A 335 2.84 22.99 19.81
C GLN A 335 2.74 21.50 19.67
N LEU A 336 1.55 20.98 19.97
CA LEU A 336 1.35 19.53 19.93
C LEU A 336 1.56 19.02 18.51
N ARG A 337 0.89 19.68 17.56
CA ARG A 337 0.95 19.28 16.16
C ARG A 337 2.41 19.32 15.64
N ALA A 338 3.15 20.38 15.98
CA ALA A 338 4.55 20.51 15.57
C ALA A 338 5.41 19.38 16.13
N GLY A 339 5.12 18.98 17.37
CA GLY A 339 5.80 17.88 18.04
C GLY A 339 5.62 16.56 17.31
N TYR A 340 4.37 16.21 16.96
CA TYR A 340 4.09 14.99 16.21
C TYR A 340 4.83 15.00 14.89
N VAL A 341 4.78 16.14 14.20
CA VAL A 341 5.40 16.23 12.87
C VAL A 341 6.93 16.00 12.97
N ALA A 342 7.53 16.57 14.01
CA ALA A 342 8.97 16.47 14.21
C ALA A 342 9.38 15.03 14.49
N ARG A 343 8.61 14.37 15.34
CA ARG A 343 8.92 12.98 15.72
C ARG A 343 8.68 12.08 14.53
N ALA A 344 7.63 12.38 13.76
CA ALA A 344 7.29 11.62 12.57
C ALA A 344 8.33 11.76 11.45
N SER A 345 8.85 12.97 11.26
CA SER A 345 9.82 13.22 10.22
C SER A 345 11.15 12.53 10.54
N GLU A 346 11.48 12.45 11.81
CA GLU A 346 12.67 11.66 12.24
C GLU A 346 12.42 10.17 12.00
N ARG A 347 11.26 9.71 12.43
CA ARG A 347 10.96 8.28 12.35
C ARG A 347 10.95 7.73 10.94
N VAL A 348 10.37 8.50 10.03
CA VAL A 348 10.02 7.98 8.70
C VAL A 348 11.23 7.61 7.81
N HIS A 349 12.42 8.10 8.17
CA HIS A 349 13.61 7.76 7.39
C HIS A 349 13.86 6.23 7.36
N ARG A 350 13.34 5.49 8.34
CA ARG A 350 13.59 4.02 8.39
C ARG A 350 12.79 3.25 7.33
N TYR A 351 11.78 3.92 6.76
CA TYR A 351 10.97 3.40 5.66
C TYR A 351 11.44 3.88 4.31
N ASP A 352 12.46 4.71 4.21
CA ASP A 352 12.87 5.18 2.90
C ASP A 352 13.43 4.02 2.06
N TRP A 353 13.21 4.08 0.74
CA TRP A 353 13.69 3.00 -0.12
C TRP A 353 15.19 2.77 0.01
N SER A 354 15.94 3.83 0.34
CA SER A 354 17.39 3.68 0.47
C SER A 354 17.70 2.58 1.47
N VAL A 355 17.11 2.69 2.64
CA VAL A 355 17.33 1.78 3.74
C VAL A 355 16.63 0.42 3.54
N VAL A 356 15.45 0.45 2.96
CA VAL A 356 14.61 -0.73 2.91
C VAL A 356 15.06 -1.65 1.78
N SER A 357 15.39 -1.04 0.65
CA SER A 357 15.81 -1.83 -0.51
C SER A 357 17.12 -2.58 -0.22
N ALA A 358 17.98 -2.01 0.64
CA ALA A 358 19.21 -2.72 1.08
C ALA A 358 18.89 -4.02 1.79
N GLN A 359 17.91 -3.97 2.67
CA GLN A 359 17.47 -5.16 3.39
C GLN A 359 16.92 -6.24 2.45
N ILE A 360 16.12 -5.81 1.47
CA ILE A 360 15.58 -6.74 0.49
C ILE A 360 16.69 -7.35 -0.37
N MET A 361 17.65 -6.54 -0.78
CA MET A 361 18.72 -7.06 -1.60
C MET A 361 19.56 -8.12 -0.84
N ARG A 362 19.67 -7.98 0.47
CA ARG A 362 20.44 -8.97 1.25
C ARG A 362 19.77 -10.35 1.15
N VAL A 363 18.45 -10.34 1.09
CA VAL A 363 17.70 -11.57 0.91
C VAL A 363 17.90 -12.12 -0.51
N TYR A 364 17.81 -11.24 -1.50
CA TYR A 364 18.14 -11.69 -2.87
C TYR A 364 19.53 -12.37 -2.92
N GLU A 365 20.53 -11.73 -2.31
CA GLU A 365 21.90 -12.21 -2.35
C GLU A 365 21.97 -13.59 -1.71
N THR A 366 21.31 -13.72 -0.57
CA THR A 366 21.26 -14.98 0.17
C THR A 366 20.69 -16.16 -0.61
N VAL A 367 19.62 -15.92 -1.36
CA VAL A 367 18.90 -16.95 -2.11
CA VAL A 367 18.97 -17.01 -2.08
C VAL A 367 19.57 -17.29 -3.45
N SER A 368 20.35 -16.36 -4.00
CA SER A 368 20.94 -16.57 -5.31
C SER A 368 22.37 -17.12 -5.21
N GLY A 369 23.00 -17.34 -6.35
CA GLY A 369 24.29 -18.01 -6.40
C GLY A 369 24.76 -18.14 -7.83
N ALA A 370 26.07 -18.13 -8.03
CA ALA A 370 26.64 -18.13 -9.37
C ALA A 370 26.08 -19.27 -10.24
N GLY A 371 25.73 -18.91 -11.48
CA GLY A 371 25.27 -19.87 -12.47
C GLY A 371 23.93 -20.53 -12.19
N ILE A 372 23.18 -20.00 -11.21
CA ILE A 372 21.88 -20.57 -10.89
C ILE A 372 20.79 -19.61 -11.35
N LYS A 373 19.76 -20.17 -11.96
CA LYS A 373 18.70 -19.41 -12.56
C LYS A 373 17.35 -19.98 -12.13
N VAL A 374 16.34 -19.11 -12.13
CA VAL A 374 14.98 -19.57 -12.02
C VAL A 374 14.65 -20.30 -13.33
N GLN A 375 14.00 -21.46 -13.21
CA GLN A 375 13.62 -22.24 -14.40
C GLN A 375 12.20 -22.78 -14.27
N VAL A 376 11.65 -23.24 -15.38
CA VAL A 376 10.32 -23.79 -15.35
C VAL A 376 10.32 -25.16 -14.70
N SER A 377 9.32 -25.43 -13.89
CA SER A 377 9.20 -26.73 -13.23
C SER A 377 8.65 -27.77 -14.20
PB GDP B . -5.02 -0.90 0.46
O1B GDP B . -4.02 -1.76 -0.28
O2B GDP B . -6.38 -0.91 -0.24
O3B GDP B . -5.14 -1.37 1.90
O3A GDP B . -4.47 0.60 0.46
PA GDP B . -3.28 0.96 1.48
O1A GDP B . -2.70 -0.26 2.17
O2A GDP B . -3.74 2.01 2.47
O5' GDP B . -2.25 1.58 0.42
C5' GDP B . -2.78 2.34 -0.64
C4' GDP B . -1.65 2.80 -1.53
O4' GDP B . -2.26 3.26 -2.74
C3' GDP B . -0.92 4.01 -0.97
O3' GDP B . 0.36 4.16 -1.58
C2' GDP B . -1.82 5.16 -1.40
O2' GDP B . -1.18 6.44 -1.42
C1' GDP B . -2.17 4.68 -2.80
N9 GDP B . -3.45 5.26 -3.25
C8 GDP B . -4.68 4.99 -2.76
N7 GDP B . -5.60 5.74 -3.42
C5 GDP B . -4.95 6.47 -4.35
C6 GDP B . -5.32 7.45 -5.39
O6 GDP B . -6.51 7.79 -5.56
N1 GDP B . -4.35 8.00 -6.14
C2 GDP B . -3.06 7.64 -5.99
N2 GDP B . -2.06 8.18 -6.72
N3 GDP B . -2.66 6.74 -5.05
C4 GDP B . -3.54 6.15 -4.23
C1 EDO C . 17.67 4.74 9.18
O1 EDO C . 16.78 3.87 9.89
C2 EDO C . 17.05 6.14 9.17
O2 EDO C . 16.84 6.54 10.53
#